data_1IQG
#
_entry.id   1IQG
#
_cell.length_a   72.260
_cell.length_b   78.600
_cell.length_c   56.360
_cell.angle_alpha   90.00
_cell.angle_beta   90.00
_cell.angle_gamma   90.00
#
_symmetry.space_group_name_H-M   'P 21 21 21'
#
loop_
_entity.id
_entity.type
_entity.pdbx_description
1 polymer 'coagulation Factor Xa'
2 polymer 'coagulation Factor Xa'
3 non-polymer 'CALCIUM ION'
4 non-polymer 4-[(6-CHLORO-2-NAPHTHALENYL)SULFONYL]-1-[[4-HYDROXYIMINOMETHYL-1-(4-PYRIDINYL)-4-PIPERIDINYL]METHYL]PIPERAZINONE
5 water water
#
loop_
_entity_poly.entity_id
_entity_poly.type
_entity_poly.pdbx_seq_one_letter_code
_entity_poly.pdbx_strand_id
1 'polypeptide(L)'
;IVGGQECKDGECPWQALLINEENEGFCGGTILSEFYILTAAHCLYQAKRFKVRVGDRNTEQEEGGEAVHEVEVVIKHNRF
TKETYDFDIAVLRLKTPITFRMNVAPACLPERDWAESTLMTQKTGIVSGFGRTHEKGRQSTRLKMLEVPYVDRNSCKLSS
SFIITQNMFCAGYDTKQEDACQGDSGGPHVTRFKDTYFVTGIVSWGEGCARKGKYGIYTKVTAFLKWIDRSMKTR
;
A
2 'polypeptide(L)'
;YKDGDQCETSPCQNQGKCKDGLGEYTCTCLEGFEGKNCELFTRKLCSLDNGDCDQFCHEEQNSVVCSCARGYTLADNGKA
CIPTGPYPCGKQTLER
;
L
#
loop_
_chem_comp.id
_chem_comp.type
_chem_comp.name
_chem_comp.formula
CA non-polymer 'CALCIUM ION' 'Ca 2'
XME non-polymer 4-[(6-CHLORO-2-NAPHTHALENYL)SULFONYL]-1-[[4-HYDROXYIMINOMETHYL-1-(4-PYRIDINYL)-4-PIPERIDINYL]METHYL]PIPERAZINONE 'C26 H28 Cl N5 O4 S'
#
# COMPACT_ATOMS: atom_id res chain seq x y z
N ILE A 1 -9.36 -10.21 1.82
CA ILE A 1 -10.27 -9.11 2.24
C ILE A 1 -11.60 -9.66 2.75
N VAL A 2 -11.92 -9.36 4.00
CA VAL A 2 -13.17 -9.81 4.61
C VAL A 2 -14.10 -8.61 4.57
N GLY A 3 -15.24 -8.75 3.90
CA GLY A 3 -16.17 -7.65 3.77
C GLY A 3 -15.63 -6.75 2.68
N GLY A 4 -15.93 -5.46 2.78
CA GLY A 4 -15.44 -4.52 1.78
C GLY A 4 -16.14 -4.71 0.45
N GLN A 5 -15.79 -3.85 -0.50
CA GLN A 5 -16.38 -3.92 -1.83
C GLN A 5 -15.43 -4.54 -2.84
N GLU A 6 -15.88 -4.64 -4.09
CA GLU A 6 -15.08 -5.21 -5.16
C GLU A 6 -14.31 -4.06 -5.81
N CYS A 7 -13.06 -4.30 -6.21
CA CYS A 7 -12.31 -3.25 -6.88
C CYS A 7 -12.89 -3.15 -8.28
N LYS A 8 -13.53 -2.03 -8.59
CA LYS A 8 -14.13 -1.82 -9.88
C LYS A 8 -13.07 -1.37 -10.86
N ASP A 9 -13.27 -1.74 -12.12
CA ASP A 9 -12.35 -1.42 -13.19
C ASP A 9 -11.67 -0.07 -13.02
N GLY A 10 -10.35 -0.09 -12.84
CA GLY A 10 -9.59 1.13 -12.69
C GLY A 10 -9.39 1.69 -11.28
N GLU A 11 -10.11 1.15 -10.31
CA GLU A 11 -10.05 1.62 -8.92
C GLU A 11 -8.86 1.20 -8.07
N CYS A 12 -8.15 0.13 -8.44
CA CYS A 12 -7.02 -0.33 -7.65
C CYS A 12 -5.85 -0.73 -8.55
N PRO A 13 -5.46 0.15 -9.49
CA PRO A 13 -4.36 -0.08 -10.43
C PRO A 13 -2.97 -0.33 -9.85
N TRP A 14 -2.76 0.06 -8.60
CA TRP A 14 -1.46 -0.11 -7.98
C TRP A 14 -1.28 -1.47 -7.31
N GLN A 15 -2.28 -2.33 -7.44
CA GLN A 15 -2.25 -3.67 -6.86
C GLN A 15 -1.30 -4.59 -7.62
N ALA A 16 -0.68 -5.51 -6.90
CA ALA A 16 0.24 -6.46 -7.50
C ALA A 16 0.08 -7.78 -6.77
N LEU A 17 0.14 -8.88 -7.52
CA LEU A 17 -0.02 -10.19 -6.91
C LEU A 17 1.21 -11.05 -7.12
N LEU A 18 1.75 -11.58 -6.03
CA LEU A 18 2.91 -12.45 -6.10
C LEU A 18 2.33 -13.84 -6.34
N ILE A 19 2.88 -14.56 -7.31
CA ILE A 19 2.41 -15.89 -7.64
C ILE A 19 3.54 -16.90 -7.57
N ASN A 20 3.21 -18.10 -7.11
CA ASN A 20 4.18 -19.19 -7.00
C ASN A 20 4.28 -19.90 -8.36
N GLU A 21 5.18 -20.87 -8.46
CA GLU A 21 5.35 -21.63 -9.70
C GLU A 21 4.04 -22.34 -10.01
N GLU A 22 3.31 -22.72 -8.97
CA GLU A 22 2.02 -23.38 -9.16
C GLU A 22 1.09 -22.34 -9.77
N ASN A 23 1.59 -21.11 -9.87
CA ASN A 23 0.87 -19.97 -10.44
C ASN A 23 -0.24 -19.42 -9.53
N GLU A 24 -0.27 -19.87 -8.28
CA GLU A 24 -1.28 -19.41 -7.35
C GLU A 24 -0.85 -18.07 -6.75
N GLY A 25 -1.84 -17.22 -6.44
CA GLY A 25 -1.54 -15.94 -5.84
C GLY A 25 -1.41 -16.17 -4.35
N PHE A 26 -0.25 -15.85 -3.77
CA PHE A 26 -0.07 -16.06 -2.34
C PHE A 26 0.08 -14.77 -1.54
N CYS A 27 0.61 -13.73 -2.16
CA CYS A 27 0.78 -12.45 -1.46
C CYS A 27 0.42 -11.22 -2.30
N GLY A 28 0.40 -10.07 -1.63
CA GLY A 28 0.08 -8.82 -2.30
C GLY A 28 1.33 -7.98 -2.49
N GLY A 29 1.16 -6.87 -3.18
CA GLY A 29 2.27 -5.97 -3.43
C GLY A 29 1.75 -4.63 -3.91
N THR A 30 2.58 -3.60 -3.83
CA THR A 30 2.15 -2.30 -4.31
C THR A 30 3.09 -1.83 -5.41
N ILE A 31 2.52 -1.31 -6.49
CA ILE A 31 3.34 -0.81 -7.58
C ILE A 31 3.83 0.58 -7.22
N LEU A 32 5.14 0.73 -7.15
CA LEU A 32 5.74 2.03 -6.83
C LEU A 32 6.13 2.77 -8.10
N SER A 33 6.75 2.04 -9.02
CA SER A 33 7.20 2.62 -10.29
C SER A 33 7.15 1.51 -11.34
N GLU A 34 7.70 1.77 -12.52
CA GLU A 34 7.67 0.76 -13.56
C GLU A 34 8.59 -0.43 -13.25
N PHE A 35 9.61 -0.18 -12.43
CA PHE A 35 10.57 -1.22 -12.08
C PHE A 35 10.50 -1.78 -10.65
N TYR A 36 9.78 -1.09 -9.75
CA TYR A 36 9.70 -1.50 -8.34
C TYR A 36 8.36 -1.86 -7.69
N ILE A 37 8.39 -2.92 -6.90
CA ILE A 37 7.21 -3.40 -6.18
C ILE A 37 7.50 -3.43 -4.68
N LEU A 38 6.52 -2.96 -3.88
CA LEU A 38 6.64 -2.95 -2.42
C LEU A 38 5.83 -4.09 -1.85
N THR A 39 6.36 -4.76 -0.84
CA THR A 39 5.66 -5.88 -0.23
C THR A 39 6.15 -6.17 1.19
N ALA A 40 5.54 -7.17 1.83
CA ALA A 40 5.93 -7.55 3.18
C ALA A 40 7.14 -8.47 3.05
N ALA A 41 7.98 -8.51 4.07
CA ALA A 41 9.17 -9.37 4.03
C ALA A 41 8.77 -10.80 4.35
N HIS A 42 7.84 -10.98 5.29
CA HIS A 42 7.43 -12.34 5.62
C HIS A 42 6.87 -13.08 4.40
N CYS A 43 6.47 -12.34 3.37
CA CYS A 43 5.95 -12.94 2.14
C CYS A 43 7.02 -13.66 1.34
N LEU A 44 8.27 -13.33 1.59
CA LEU A 44 9.39 -13.95 0.91
C LEU A 44 9.74 -15.21 1.69
N TYR A 45 8.71 -15.92 2.12
CA TYR A 45 8.86 -17.16 2.89
C TYR A 45 7.73 -18.13 2.58
N GLN A 46 6.74 -17.67 1.80
CA GLN A 46 5.61 -18.52 1.43
C GLN A 46 5.70 -19.06 0.00
N ALA A 47 6.91 -19.15 -0.52
CA ALA A 47 7.13 -19.66 -1.88
C ALA A 47 8.62 -19.68 -2.24
N LYS A 48 9.04 -20.73 -2.95
CA LYS A 48 10.42 -20.86 -3.37
C LYS A 48 10.69 -19.79 -4.42
N ARG A 49 10.10 -19.96 -5.60
CA ARG A 49 10.25 -18.99 -6.68
C ARG A 49 8.86 -18.41 -6.94
N PHE A 50 8.81 -17.14 -7.33
CA PHE A 50 7.54 -16.47 -7.61
C PHE A 50 7.69 -15.31 -8.61
N LYS A 51 6.61 -15.03 -9.33
CA LYS A 51 6.58 -13.92 -10.27
C LYS A 51 5.63 -12.88 -9.67
N VAL A 52 5.57 -11.70 -10.27
CA VAL A 52 4.67 -10.65 -9.81
C VAL A 52 3.72 -10.31 -10.95
N ARG A 53 2.41 -10.30 -10.64
CA ARG A 53 1.38 -10.00 -11.63
C ARG A 53 0.68 -8.67 -11.40
N VAL A 54 0.37 -7.98 -12.49
CA VAL A 54 -0.31 -6.68 -12.44
C VAL A 54 -1.46 -6.61 -13.43
N GLY A 55 -2.42 -5.73 -13.13
CA GLY A 55 -3.56 -5.54 -14.00
C GLY A 55 -4.64 -6.59 -13.89
N ASP A 56 -4.50 -7.49 -12.93
CA ASP A 56 -5.49 -8.55 -12.76
C ASP A 56 -6.57 -8.22 -11.73
N ARG A 57 -7.81 -8.58 -12.03
CA ARG A 57 -8.93 -8.35 -11.12
C ARG A 57 -9.77 -9.60 -10.89
N ASN A 58 -9.58 -10.60 -11.75
CA ASN A 58 -10.33 -11.86 -11.67
C ASN A 58 -9.42 -13.04 -12.01
N THR A 59 -8.84 -13.67 -10.99
CA THR A 59 -7.91 -14.78 -11.19
C THR A 59 -8.38 -15.97 -12.05
N GLU A 60 -9.51 -15.85 -12.72
CA GLU A 60 -9.98 -16.95 -13.56
C GLU A 60 -10.47 -16.50 -14.94
N GLN A 61 -11.02 -15.29 -15.02
CA GLN A 61 -11.50 -14.75 -16.28
C GLN A 61 -10.40 -13.89 -16.93
N GLU A 62 -9.53 -14.53 -17.71
CA GLU A 62 -8.43 -13.85 -18.40
C GLU A 62 -8.88 -12.56 -19.08
N GLU A 63 -8.85 -11.47 -18.33
CA GLU A 63 -9.26 -10.15 -18.81
C GLU A 63 -8.39 -9.72 -20.00
N GLY A 64 -7.31 -10.45 -20.25
CA GLY A 64 -6.43 -10.13 -21.35
C GLY A 64 -5.63 -8.87 -21.09
N GLY A 65 -6.03 -8.10 -20.08
CA GLY A 65 -5.32 -6.87 -19.76
C GLY A 65 -4.27 -7.03 -18.68
N GLU A 66 -3.90 -8.26 -18.37
CA GLU A 66 -2.90 -8.53 -17.35
C GLU A 66 -1.50 -8.60 -17.95
N ALA A 67 -0.50 -8.76 -17.09
CA ALA A 67 0.90 -8.85 -17.50
C ALA A 67 1.73 -9.39 -16.34
N VAL A 68 2.51 -10.43 -16.62
CA VAL A 68 3.36 -11.03 -15.60
C VAL A 68 4.79 -10.52 -15.75
N HIS A 69 5.47 -10.36 -14.61
CA HIS A 69 6.83 -9.87 -14.57
C HIS A 69 7.71 -10.72 -13.66
N GLU A 70 8.99 -10.83 -14.01
CA GLU A 70 9.94 -11.60 -13.24
C GLU A 70 10.73 -10.70 -12.32
N VAL A 71 11.19 -11.27 -11.21
CA VAL A 71 11.97 -10.55 -10.21
C VAL A 71 13.45 -10.65 -10.51
N GLU A 72 14.13 -9.51 -10.59
CA GLU A 72 15.57 -9.50 -10.83
C GLU A 72 16.29 -9.52 -9.50
N VAL A 73 15.81 -8.72 -8.54
CA VAL A 73 16.42 -8.69 -7.22
C VAL A 73 15.35 -8.48 -6.16
N VAL A 74 15.52 -9.16 -5.03
CA VAL A 74 14.61 -9.04 -3.91
C VAL A 74 15.39 -8.31 -2.81
N ILE A 75 14.92 -7.14 -2.41
CA ILE A 75 15.58 -6.38 -1.36
C ILE A 75 14.79 -6.48 -0.07
N LYS A 76 15.17 -7.45 0.77
CA LYS A 76 14.49 -7.66 2.05
C LYS A 76 15.19 -6.83 3.13
N HIS A 77 14.41 -6.32 4.09
CA HIS A 77 14.99 -5.52 5.17
C HIS A 77 15.78 -6.45 6.07
N ASN A 78 17.01 -6.05 6.36
CA ASN A 78 17.93 -6.83 7.19
C ASN A 78 17.39 -7.08 8.59
N ARG A 79 16.95 -6.00 9.25
CA ARG A 79 16.45 -6.09 10.61
C ARG A 79 15.12 -6.81 10.74
N PHE A 80 14.60 -7.35 9.63
CA PHE A 80 13.33 -8.06 9.69
C PHE A 80 13.44 -9.34 10.50
N THR A 81 12.49 -9.55 11.40
CA THR A 81 12.49 -10.74 12.24
C THR A 81 11.11 -11.39 12.23
N LYS A 82 11.08 -12.70 12.02
CA LYS A 82 9.81 -13.44 11.98
C LYS A 82 9.15 -13.54 13.36
N GLU A 83 9.97 -13.60 14.40
CA GLU A 83 9.49 -13.74 15.77
C GLU A 83 8.79 -12.52 16.37
N THR A 84 8.81 -11.41 15.65
CA THR A 84 8.16 -10.18 16.13
C THR A 84 7.49 -9.43 14.99
N TYR A 85 7.70 -9.88 13.76
CA TYR A 85 7.10 -9.25 12.58
C TYR A 85 7.55 -7.80 12.42
N ASP A 86 8.60 -7.41 13.14
CA ASP A 86 9.11 -6.05 13.06
C ASP A 86 9.91 -5.90 11.77
N PHE A 87 9.85 -4.71 11.17
CA PHE A 87 10.54 -4.46 9.91
C PHE A 87 9.98 -5.42 8.85
N ASP A 88 8.65 -5.51 8.80
CA ASP A 88 8.01 -6.39 7.84
C ASP A 88 7.80 -5.68 6.52
N ILE A 89 8.91 -5.44 5.82
CA ILE A 89 8.88 -4.75 4.53
C ILE A 89 9.89 -5.34 3.53
N ALA A 90 9.71 -5.04 2.24
CA ALA A 90 10.59 -5.55 1.21
C ALA A 90 10.32 -4.87 -0.13
N VAL A 91 11.36 -4.71 -0.94
CA VAL A 91 11.21 -4.10 -2.25
C VAL A 91 11.69 -5.02 -3.36
N LEU A 92 10.90 -5.09 -4.43
CA LEU A 92 11.24 -5.94 -5.57
C LEU A 92 11.60 -5.12 -6.83
N ARG A 93 12.78 -5.39 -7.36
CA ARG A 93 13.24 -4.73 -8.58
C ARG A 93 12.88 -5.68 -9.71
N LEU A 94 12.04 -5.22 -10.63
CA LEU A 94 11.60 -6.06 -11.75
C LEU A 94 12.64 -6.26 -12.85
N LYS A 95 12.48 -7.32 -13.63
CA LYS A 95 13.40 -7.59 -14.73
C LYS A 95 13.02 -6.71 -15.93
N THR A 96 11.72 -6.56 -16.16
CA THR A 96 11.23 -5.74 -17.26
C THR A 96 10.31 -4.64 -16.74
N PRO A 97 10.25 -3.49 -17.42
CA PRO A 97 9.40 -2.36 -17.03
C PRO A 97 7.90 -2.65 -17.13
N ILE A 98 7.14 -2.15 -16.16
CA ILE A 98 5.70 -2.32 -16.15
C ILE A 98 5.12 -1.25 -17.07
N THR A 99 4.30 -1.65 -18.03
CA THR A 99 3.71 -0.68 -18.92
C THR A 99 2.39 -0.26 -18.27
N PHE A 100 2.25 1.02 -17.98
CA PHE A 100 1.06 1.51 -17.34
C PHE A 100 -0.09 1.71 -18.32
N ARG A 101 -1.24 1.11 -17.99
CA ARG A 101 -2.44 1.23 -18.78
C ARG A 101 -3.58 1.11 -17.79
N MET A 102 -4.77 0.79 -18.29
CA MET A 102 -5.92 0.62 -17.42
C MET A 102 -5.64 -0.51 -16.41
N ASN A 103 -5.94 -0.23 -15.13
CA ASN A 103 -5.73 -1.18 -14.03
C ASN A 103 -4.26 -1.45 -13.73
N VAL A 104 -3.40 -0.59 -14.23
CA VAL A 104 -1.98 -0.74 -14.01
C VAL A 104 -1.35 0.65 -13.93
N ALA A 105 -1.19 1.13 -12.69
CA ALA A 105 -0.61 2.44 -12.43
C ALA A 105 0.00 2.41 -11.03
N PRO A 106 1.02 3.25 -10.78
CA PRO A 106 1.70 3.30 -9.48
C PRO A 106 1.05 4.18 -8.41
N ALA A 107 1.22 3.78 -7.15
CA ALA A 107 0.71 4.56 -6.02
C ALA A 107 1.82 5.55 -5.66
N CYS A 108 1.46 6.73 -5.20
CA CYS A 108 2.48 7.71 -4.85
C CYS A 108 3.17 7.47 -3.52
N LEU A 109 4.46 7.78 -3.47
CA LEU A 109 5.23 7.71 -2.24
C LEU A 109 5.12 9.13 -1.66
N PRO A 110 4.63 9.27 -0.41
CA PRO A 110 4.49 10.59 0.21
C PRO A 110 5.76 11.06 0.92
N GLU A 111 5.72 12.29 1.44
CA GLU A 111 6.85 12.83 2.19
C GLU A 111 6.61 12.37 3.63
N ARG A 112 7.68 11.99 4.32
CA ARG A 112 7.61 11.51 5.71
C ARG A 112 6.75 12.35 6.68
N ASP A 113 7.07 13.64 6.80
CA ASP A 113 6.33 14.50 7.72
C ASP A 113 4.89 14.75 7.32
N TRP A 114 4.70 15.18 6.06
CA TRP A 114 3.37 15.46 5.54
C TRP A 114 2.45 14.27 5.73
N ALA A 115 3.00 13.09 5.49
CA ALA A 115 2.25 11.84 5.61
C ALA A 115 1.71 11.61 7.01
N GLU A 116 2.60 11.66 8.01
CA GLU A 116 2.20 11.44 9.40
C GLU A 116 1.25 12.52 9.89
N SER A 117 1.40 13.72 9.35
CA SER A 117 0.58 14.86 9.74
C SER A 117 -0.75 14.98 9.02
N THR A 118 -0.77 14.72 7.71
CA THR A 118 -2.01 14.86 6.95
C THR A 118 -2.61 13.57 6.39
N LEU A 119 -1.82 12.51 6.31
CA LEU A 119 -2.34 11.25 5.79
C LEU A 119 -2.86 10.32 6.88
N MET A 120 -2.02 10.02 7.87
CA MET A 120 -2.43 9.13 8.93
C MET A 120 -3.38 9.78 9.93
N THR A 121 -3.69 11.04 9.73
CA THR A 121 -4.62 11.74 10.61
C THR A 121 -5.98 11.73 9.92
N GLN A 122 -5.99 11.18 8.71
CA GLN A 122 -7.22 11.04 7.94
C GLN A 122 -8.03 10.03 8.73
N LYS A 123 -9.35 10.05 8.58
CA LYS A 123 -10.17 9.10 9.30
C LYS A 123 -9.93 7.67 8.83
N THR A 124 -9.76 7.49 7.53
CA THR A 124 -9.57 6.16 6.97
C THR A 124 -8.49 5.99 5.89
N GLY A 125 -8.30 4.73 5.52
CA GLY A 125 -7.35 4.36 4.48
C GLY A 125 -7.94 3.19 3.70
N ILE A 126 -7.31 2.78 2.61
CA ILE A 126 -7.82 1.66 1.84
C ILE A 126 -6.84 0.50 1.78
N VAL A 127 -7.34 -0.70 2.08
CA VAL A 127 -6.52 -1.91 2.03
C VAL A 127 -7.19 -2.80 0.97
N SER A 128 -6.40 -3.51 0.18
CA SER A 128 -6.94 -4.36 -0.88
C SER A 128 -6.15 -5.64 -1.12
N GLY A 129 -6.79 -6.62 -1.76
CA GLY A 129 -6.11 -7.87 -2.06
C GLY A 129 -6.98 -9.00 -2.59
N PHE A 130 -6.32 -10.13 -2.88
CA PHE A 130 -6.97 -11.35 -3.37
C PHE A 130 -7.04 -12.36 -2.23
N GLY A 131 -6.88 -11.87 -1.00
CA GLY A 131 -6.87 -12.75 0.16
C GLY A 131 -8.19 -13.37 0.54
N ARG A 132 -8.17 -14.23 1.56
CA ARG A 132 -9.38 -14.91 2.03
C ARG A 132 -10.54 -13.97 2.32
N THR A 133 -11.74 -14.46 2.07
CA THR A 133 -12.98 -13.71 2.28
C THR A 133 -13.44 -13.84 3.73
N HIS A 134 -12.93 -14.88 4.40
CA HIS A 134 -13.25 -15.18 5.78
C HIS A 134 -12.01 -15.85 6.36
N GLU A 135 -11.88 -15.84 7.68
CA GLU A 135 -10.73 -16.44 8.33
C GLU A 135 -10.52 -17.87 7.87
N LYS A 136 -11.58 -18.69 7.92
CA LYS A 136 -11.51 -20.09 7.50
C LYS A 136 -11.68 -20.28 5.99
N GLY A 137 -12.25 -19.27 5.33
CA GLY A 137 -12.50 -19.34 3.91
C GLY A 137 -11.35 -19.63 2.95
N ARG A 138 -11.63 -19.39 1.66
CA ARG A 138 -10.66 -19.60 0.57
C ARG A 138 -10.21 -18.27 -0.03
N GLN A 139 -9.06 -18.31 -0.70
CA GLN A 139 -8.49 -17.12 -1.35
C GLN A 139 -9.56 -16.53 -2.26
N SER A 140 -9.54 -15.22 -2.45
CA SER A 140 -10.56 -14.61 -3.32
C SER A 140 -10.21 -14.68 -4.79
N THR A 141 -11.24 -14.85 -5.62
CA THR A 141 -11.02 -14.92 -7.06
C THR A 141 -11.06 -13.53 -7.68
N ARG A 142 -11.65 -12.59 -6.94
CA ARG A 142 -11.77 -11.20 -7.38
C ARG A 142 -10.94 -10.28 -6.47
N LEU A 143 -10.48 -9.16 -7.03
CA LEU A 143 -9.71 -8.19 -6.24
C LEU A 143 -10.68 -7.34 -5.41
N LYS A 144 -10.48 -7.30 -4.09
CA LYS A 144 -11.36 -6.51 -3.22
C LYS A 144 -10.63 -5.34 -2.57
N MET A 145 -11.40 -4.42 -2.01
CA MET A 145 -10.85 -3.26 -1.32
C MET A 145 -11.70 -3.04 -0.07
N LEU A 146 -11.11 -2.43 0.96
CA LEU A 146 -11.83 -2.19 2.20
C LEU A 146 -11.41 -0.87 2.81
N GLU A 147 -12.39 -0.05 3.20
CA GLU A 147 -12.09 1.21 3.84
C GLU A 147 -11.88 0.81 5.30
N VAL A 148 -10.67 1.02 5.81
CA VAL A 148 -10.38 0.67 7.19
C VAL A 148 -9.97 1.90 7.97
N PRO A 149 -10.77 2.29 8.97
CA PRO A 149 -10.42 3.47 9.76
C PRO A 149 -9.09 3.31 10.49
N TYR A 150 -8.39 4.43 10.68
CA TYR A 150 -7.12 4.41 11.40
C TYR A 150 -7.46 4.15 12.85
N VAL A 151 -6.65 3.34 13.52
CA VAL A 151 -6.90 3.01 14.91
C VAL A 151 -5.98 3.72 15.88
N ASP A 152 -6.58 4.23 16.96
CA ASP A 152 -5.83 4.91 18.00
C ASP A 152 -4.65 4.04 18.37
N ARG A 153 -3.47 4.63 18.47
CA ARG A 153 -2.30 3.83 18.80
C ARG A 153 -2.39 3.14 20.16
N ASN A 154 -3.02 3.78 21.14
CA ASN A 154 -3.13 3.15 22.44
C ASN A 154 -4.13 2.00 22.41
N SER A 155 -5.30 2.24 21.83
CA SER A 155 -6.32 1.21 21.72
C SER A 155 -5.67 -0.01 21.08
N CYS A 156 -4.82 0.26 20.10
CA CYS A 156 -4.07 -0.74 19.35
C CYS A 156 -3.29 -1.65 20.31
N LYS A 157 -2.26 -1.08 20.94
CA LYS A 157 -1.43 -1.82 21.89
C LYS A 157 -2.25 -2.61 22.91
N LEU A 158 -3.33 -2.01 23.40
CA LEU A 158 -4.19 -2.66 24.39
C LEU A 158 -4.86 -3.92 23.86
N SER A 159 -5.41 -3.83 22.66
CA SER A 159 -6.10 -4.94 22.03
C SER A 159 -5.16 -6.03 21.49
N SER A 160 -3.89 -5.70 21.35
CA SER A 160 -2.91 -6.65 20.82
C SER A 160 -2.25 -7.58 21.81
N SER A 161 -2.24 -8.87 21.49
CA SER A 161 -1.61 -9.90 22.32
C SER A 161 -0.11 -9.88 22.05
N PHE A 162 0.31 -8.98 21.17
CA PHE A 162 1.72 -8.87 20.82
C PHE A 162 2.19 -7.44 20.82
N ILE A 163 3.50 -7.25 20.83
CA ILE A 163 4.07 -5.92 20.85
C ILE A 163 3.93 -5.16 19.54
N ILE A 164 3.15 -4.08 19.57
CA ILE A 164 2.97 -3.27 18.38
C ILE A 164 4.11 -2.26 18.36
N THR A 165 5.13 -2.53 17.53
CA THR A 165 6.30 -1.67 17.42
C THR A 165 6.10 -0.34 16.70
N GLN A 166 7.14 0.49 16.73
CA GLN A 166 7.12 1.80 16.08
C GLN A 166 7.02 1.67 14.56
N ASN A 167 7.32 0.47 14.05
CA ASN A 167 7.27 0.21 12.61
C ASN A 167 5.89 -0.27 12.13
N MET A 168 4.93 -0.34 13.04
CA MET A 168 3.60 -0.81 12.68
C MET A 168 2.52 0.18 13.13
N PHE A 169 1.29 -0.07 12.70
CA PHE A 169 0.15 0.74 13.08
C PHE A 169 -1.12 -0.07 12.84
N CYS A 170 -2.15 0.20 13.63
CA CYS A 170 -3.42 -0.52 13.53
C CYS A 170 -4.42 0.17 12.59
N ALA A 171 -5.30 -0.61 11.99
CA ALA A 171 -6.33 -0.10 11.07
C ALA A 171 -7.41 -1.16 10.91
N GLY A 172 -8.67 -0.75 11.02
CA GLY A 172 -9.78 -1.69 10.91
C GLY A 172 -10.90 -1.40 11.90
N TYR A 173 -11.55 -2.47 12.38
CA TYR A 173 -12.65 -2.32 13.33
C TYR A 173 -12.50 -3.22 14.53
N ASP A 174 -13.13 -2.79 15.64
CA ASP A 174 -13.13 -3.53 16.88
C ASP A 174 -14.08 -4.73 16.71
N THR A 175 -15.31 -4.45 16.29
CA THR A 175 -16.28 -5.53 16.12
C THR A 175 -16.74 -5.84 14.69
N LYS A 176 -16.99 -4.80 13.90
CA LYS A 176 -17.45 -4.99 12.52
C LYS A 176 -16.60 -6.06 11.83
N GLN A 177 -17.28 -6.97 11.13
CA GLN A 177 -16.60 -8.07 10.44
C GLN A 177 -15.92 -7.70 9.12
N GLU A 178 -14.94 -6.81 9.20
CA GLU A 178 -14.19 -6.36 8.03
C GLU A 178 -12.75 -6.15 8.46
N ASP A 179 -11.82 -6.65 7.64
CA ASP A 179 -10.40 -6.55 7.93
C ASP A 179 -9.69 -7.35 6.82
N ALA A 180 -8.39 -7.16 6.66
CA ALA A 180 -7.67 -7.92 5.65
C ALA A 180 -7.64 -9.32 6.21
N CYS A 181 -7.00 -10.25 5.51
CA CYS A 181 -6.92 -11.62 5.96
C CYS A 181 -5.79 -12.31 5.22
N GLN A 182 -5.67 -13.62 5.38
CA GLN A 182 -4.61 -14.37 4.72
C GLN A 182 -4.56 -14.18 3.20
N GLY A 183 -3.35 -14.07 2.66
CA GLY A 183 -3.19 -13.88 1.23
C GLY A 183 -3.07 -12.40 0.88
N ASP A 184 -3.63 -11.54 1.71
CA ASP A 184 -3.59 -10.10 1.49
C ASP A 184 -2.25 -9.53 1.93
N SER A 185 -1.42 -10.37 2.57
CA SER A 185 -0.10 -9.93 3.04
C SER A 185 0.71 -9.25 1.93
N GLY A 186 1.47 -8.23 2.30
CA GLY A 186 2.29 -7.51 1.36
C GLY A 186 1.52 -6.55 0.46
N GLY A 187 0.19 -6.64 0.52
CA GLY A 187 -0.64 -5.79 -0.30
C GLY A 187 -0.59 -4.31 0.04
N PRO A 188 -1.32 -3.48 -0.71
CA PRO A 188 -1.29 -2.05 -0.39
C PRO A 188 -2.31 -1.52 0.62
N HIS A 189 -1.90 -0.47 1.33
CA HIS A 189 -2.76 0.25 2.26
C HIS A 189 -2.48 1.65 1.74
N VAL A 190 -3.51 2.29 1.20
CA VAL A 190 -3.34 3.63 0.66
C VAL A 190 -4.29 4.61 1.32
N THR A 191 -3.89 5.88 1.34
CA THR A 191 -4.70 6.94 1.92
C THR A 191 -5.02 7.91 0.78
N ARG A 192 -6.27 8.35 0.73
CA ARG A 192 -6.73 9.26 -0.31
C ARG A 192 -6.67 10.71 0.12
N PHE A 193 -6.21 11.58 -0.78
CA PHE A 193 -6.13 13.01 -0.50
C PHE A 193 -6.36 13.80 -1.78
N LYS A 194 -7.52 14.44 -1.86
CA LYS A 194 -7.89 15.21 -3.03
C LYS A 194 -7.80 14.36 -4.29
N ASP A 195 -8.36 13.16 -4.22
CA ASP A 195 -8.40 12.23 -5.35
C ASP A 195 -7.09 11.64 -5.85
N THR A 196 -6.09 11.63 -4.97
CA THR A 196 -4.80 11.03 -5.28
C THR A 196 -4.51 10.11 -4.10
N TYR A 197 -4.11 8.87 -4.40
CA TYR A 197 -3.82 7.89 -3.38
C TYR A 197 -2.31 7.77 -3.10
N PHE A 198 -1.95 7.72 -1.83
CA PHE A 198 -0.55 7.61 -1.41
C PHE A 198 -0.35 6.32 -0.61
N VAL A 199 0.79 5.66 -0.78
CA VAL A 199 1.07 4.44 -0.03
C VAL A 199 1.25 4.83 1.43
N THR A 200 0.73 4.02 2.34
CA THR A 200 0.86 4.33 3.74
C THR A 200 1.22 3.10 4.57
N GLY A 201 0.76 1.93 4.15
CA GLY A 201 1.08 0.73 4.89
C GLY A 201 1.12 -0.54 4.06
N ILE A 202 1.94 -1.49 4.52
CA ILE A 202 2.07 -2.78 3.86
C ILE A 202 1.32 -3.79 4.74
N VAL A 203 0.39 -4.54 4.15
CA VAL A 203 -0.39 -5.54 4.90
C VAL A 203 0.58 -6.49 5.60
N SER A 204 0.62 -6.42 6.93
CA SER A 204 1.53 -7.25 7.71
C SER A 204 0.91 -8.45 8.43
N TRP A 205 0.23 -8.22 9.55
CA TRP A 205 -0.35 -9.33 10.27
C TRP A 205 -1.60 -8.98 11.07
N GLY A 206 -2.06 -9.98 11.82
CA GLY A 206 -3.22 -9.83 12.66
C GLY A 206 -3.37 -11.11 13.46
N GLU A 207 -4.26 -11.09 14.44
CA GLU A 207 -4.53 -12.26 15.26
C GLU A 207 -5.86 -12.73 14.72
N GLY A 208 -5.78 -13.58 13.70
CA GLY A 208 -6.99 -14.08 13.08
C GLY A 208 -7.40 -13.07 12.01
N CYS A 209 -8.67 -13.08 11.65
CA CYS A 209 -9.17 -12.17 10.64
C CYS A 209 -10.48 -11.59 11.10
N ALA A 210 -10.53 -10.26 11.20
CA ALA A 210 -11.72 -9.53 11.61
C ALA A 210 -12.30 -9.96 12.96
N ARG A 211 -11.47 -10.56 13.81
CA ARG A 211 -11.93 -11.00 15.12
C ARG A 211 -12.41 -9.82 15.97
N LYS A 212 -13.34 -10.09 16.88
CA LYS A 212 -13.85 -9.04 17.75
C LYS A 212 -12.73 -8.62 18.73
N GLY A 213 -12.51 -7.31 18.83
CA GLY A 213 -11.47 -6.81 19.72
C GLY A 213 -10.06 -6.79 19.17
N LYS A 214 -9.89 -7.14 17.89
CA LYS A 214 -8.59 -7.15 17.25
C LYS A 214 -8.59 -6.26 16.02
N TYR A 215 -7.43 -5.70 15.69
CA TYR A 215 -7.31 -4.82 14.53
C TYR A 215 -6.33 -5.37 13.49
N GLY A 216 -6.26 -4.74 12.32
CA GLY A 216 -5.35 -5.16 11.27
C GLY A 216 -4.01 -4.47 11.48
N ILE A 217 -2.91 -5.23 11.48
CA ILE A 217 -1.59 -4.64 11.70
C ILE A 217 -0.79 -4.43 10.42
N TYR A 218 -0.57 -3.16 10.07
CA TYR A 218 0.16 -2.82 8.86
C TYR A 218 1.53 -2.22 9.14
N THR A 219 2.43 -2.37 8.18
CA THR A 219 3.79 -1.84 8.28
C THR A 219 3.70 -0.34 8.02
N LYS A 220 4.39 0.46 8.83
CA LYS A 220 4.35 1.91 8.66
C LYS A 220 5.33 2.35 7.58
N VAL A 221 4.81 2.57 6.38
CA VAL A 221 5.67 2.98 5.27
C VAL A 221 6.50 4.24 5.56
N THR A 222 5.88 5.26 6.14
CA THR A 222 6.60 6.49 6.45
C THR A 222 7.85 6.26 7.30
N ALA A 223 7.89 5.15 8.02
CA ALA A 223 9.03 4.80 8.86
C ALA A 223 10.14 4.10 8.08
N PHE A 224 9.93 3.93 6.78
CA PHE A 224 10.90 3.28 5.91
C PHE A 224 11.09 4.00 4.59
N LEU A 225 10.51 5.19 4.50
CA LEU A 225 10.62 6.00 3.30
C LEU A 225 12.05 6.03 2.75
N LYS A 226 12.96 6.66 3.49
CA LYS A 226 14.35 6.75 3.05
C LYS A 226 14.92 5.41 2.62
N TRP A 227 14.56 4.37 3.36
CA TRP A 227 15.02 3.01 3.08
C TRP A 227 14.57 2.59 1.69
N ILE A 228 13.34 3.00 1.36
CA ILE A 228 12.77 2.69 0.08
C ILE A 228 13.49 3.43 -1.04
N ASP A 229 13.84 4.69 -0.82
CA ASP A 229 14.57 5.43 -1.84
C ASP A 229 15.88 4.70 -2.09
N ARG A 230 16.60 4.41 -1.02
CA ARG A 230 17.87 3.72 -1.11
C ARG A 230 17.72 2.46 -1.96
N SER A 231 16.58 1.79 -1.84
CA SER A 231 16.33 0.57 -2.60
C SER A 231 16.09 0.85 -4.09
N MET A 232 15.53 2.02 -4.40
CA MET A 232 15.24 2.41 -5.76
C MET A 232 16.54 2.49 -6.55
N LYS A 233 17.65 2.52 -5.82
CA LYS A 233 18.97 2.59 -6.42
C LYS A 233 19.58 1.21 -6.23
N THR A 234 18.71 0.26 -5.86
CA THR A 234 19.07 -1.13 -5.61
C THR A 234 20.22 -1.21 -4.60
N ARG A 235 19.87 -1.16 -3.32
CA ARG A 235 20.85 -1.22 -2.25
C ARG A 235 20.26 -1.84 -0.98
N LYS B 44 1.98 30.77 6.31
CA LYS B 44 2.20 29.51 7.08
C LYS B 44 0.86 28.82 7.33
N LEU B 45 0.88 27.81 8.18
CA LEU B 45 -0.30 27.04 8.54
C LEU B 45 -0.70 25.99 7.50
N CYS B 46 0.13 24.94 7.44
CA CYS B 46 -0.11 23.82 6.55
C CYS B 46 -1.16 22.98 7.26
N SER B 47 -1.55 23.44 8.45
CA SER B 47 -2.55 22.75 9.25
C SER B 47 -3.91 23.41 9.09
N LEU B 48 -3.96 24.51 8.34
CA LEU B 48 -5.20 25.24 8.07
C LEU B 48 -6.08 24.35 7.19
N ASP B 49 -5.65 24.18 5.95
CA ASP B 49 -6.36 23.33 4.97
C ASP B 49 -5.24 22.83 4.06
N ASN B 50 -4.27 22.18 4.67
CA ASN B 50 -3.12 21.66 3.97
C ASN B 50 -2.40 22.80 3.26
N GLY B 51 -2.68 24.02 3.70
CA GLY B 51 -2.07 25.20 3.12
C GLY B 51 -2.61 25.47 1.74
N ASP B 52 -3.72 24.81 1.42
CA ASP B 52 -4.38 24.97 0.13
C ASP B 52 -3.55 24.32 -1.00
N CYS B 53 -2.63 23.45 -0.60
CA CYS B 53 -1.78 22.72 -1.54
C CYS B 53 -2.52 21.48 -2.00
N ASP B 54 -2.20 20.99 -3.20
CA ASP B 54 -2.82 19.76 -3.71
C ASP B 54 -2.23 18.56 -2.96
N GLN B 55 -0.92 18.62 -2.69
CA GLN B 55 -0.27 17.52 -2.00
C GLN B 55 0.62 17.96 -0.83
N PHE B 56 1.93 17.72 -0.97
CA PHE B 56 2.90 18.06 0.06
C PHE B 56 2.89 19.53 0.49
N CYS B 57 2.86 19.76 1.80
CA CYS B 57 2.86 21.11 2.36
C CYS B 57 3.99 21.27 3.38
N HIS B 58 4.76 22.32 3.21
CA HIS B 58 5.86 22.63 4.11
C HIS B 58 5.78 24.10 4.47
N GLU B 59 6.08 24.42 5.71
CA GLU B 59 6.05 25.80 6.13
C GLU B 59 7.49 26.27 6.14
N GLU B 60 7.76 27.31 5.36
CA GLU B 60 9.10 27.87 5.27
C GLU B 60 9.02 29.09 6.18
N GLN B 61 9.36 28.89 7.45
CA GLN B 61 9.32 29.92 8.48
C GLN B 61 8.09 30.81 8.32
N ASN B 62 8.12 31.68 7.31
CA ASN B 62 7.01 32.57 7.06
C ASN B 62 5.77 31.86 6.50
N SER B 63 5.64 31.81 5.18
CA SER B 63 4.50 31.20 4.51
C SER B 63 4.60 29.70 4.24
N VAL B 64 3.72 29.20 3.37
CA VAL B 64 3.69 27.78 3.02
C VAL B 64 4.40 27.50 1.70
N VAL B 65 4.91 26.29 1.56
CA VAL B 65 5.60 25.87 0.35
C VAL B 65 5.07 24.51 -0.09
N CYS B 66 4.33 24.52 -1.20
CA CYS B 66 3.73 23.32 -1.74
C CYS B 66 4.69 22.58 -2.67
N SER B 67 4.52 21.26 -2.74
CA SER B 67 5.34 20.44 -3.61
C SER B 67 4.50 19.23 -4.04
N CYS B 68 4.98 18.48 -5.03
CA CYS B 68 4.25 17.34 -5.56
C CYS B 68 5.10 16.07 -5.67
N ALA B 69 4.45 14.91 -5.65
CA ALA B 69 5.14 13.63 -5.76
C ALA B 69 5.89 13.52 -7.09
N ARG B 70 6.76 12.51 -7.19
CA ARG B 70 7.53 12.31 -8.42
C ARG B 70 6.55 12.03 -9.55
N GLY B 71 6.66 12.80 -10.62
CA GLY B 71 5.77 12.61 -11.74
C GLY B 71 4.80 13.75 -11.90
N TYR B 72 4.91 14.74 -11.02
CA TYR B 72 4.04 15.90 -11.10
C TYR B 72 4.90 17.13 -11.12
N THR B 73 4.31 18.24 -11.53
CA THR B 73 5.01 19.52 -11.58
C THR B 73 4.05 20.50 -10.93
N LEU B 74 4.60 21.38 -10.11
CA LEU B 74 3.81 22.36 -9.41
C LEU B 74 3.24 23.36 -10.41
N ALA B 75 1.94 23.65 -10.27
CA ALA B 75 1.28 24.59 -11.16
C ALA B 75 1.90 25.96 -10.94
N ASP B 76 1.42 26.95 -11.69
CA ASP B 76 1.95 28.28 -11.58
C ASP B 76 1.50 28.96 -10.28
N ASN B 77 0.30 28.62 -9.80
CA ASN B 77 -0.17 29.22 -8.56
C ASN B 77 0.64 28.73 -7.39
N GLY B 78 1.68 27.94 -7.68
CA GLY B 78 2.55 27.40 -6.67
C GLY B 78 1.83 26.51 -5.67
N LYS B 79 0.66 26.00 -6.05
CA LYS B 79 -0.12 25.15 -5.16
C LYS B 79 -0.54 23.81 -5.78
N ALA B 80 -1.24 23.89 -6.92
CA ALA B 80 -1.74 22.71 -7.63
C ALA B 80 -0.63 21.83 -8.18
N CYS B 81 -0.94 20.57 -8.41
CA CYS B 81 0.00 19.63 -8.98
C CYS B 81 -0.56 19.15 -10.32
N ILE B 82 0.28 19.11 -11.34
CA ILE B 82 -0.15 18.67 -12.66
C ILE B 82 0.65 17.47 -13.14
N PRO B 83 -0.03 16.46 -13.71
CA PRO B 83 0.67 15.27 -14.18
C PRO B 83 1.58 15.62 -15.37
N THR B 84 2.66 14.84 -15.57
CA THR B 84 3.57 15.07 -16.68
C THR B 84 3.41 13.96 -17.70
N GLY B 85 2.87 12.83 -17.26
CA GLY B 85 2.68 11.70 -18.16
C GLY B 85 1.22 11.29 -18.11
N PRO B 86 0.83 10.20 -18.79
CA PRO B 86 -0.58 9.76 -18.77
C PRO B 86 -0.97 8.83 -17.60
N TYR B 87 0.03 8.33 -16.88
CA TYR B 87 -0.25 7.45 -15.74
C TYR B 87 0.48 7.93 -14.49
N PRO B 88 0.05 9.08 -13.96
CA PRO B 88 0.64 9.70 -12.77
C PRO B 88 0.33 8.84 -11.55
N CYS B 89 1.27 8.78 -10.61
CA CYS B 89 1.08 7.99 -9.41
C CYS B 89 -0.12 8.50 -8.63
N GLY B 90 -0.83 7.58 -7.97
CA GLY B 90 -1.97 7.93 -7.14
C GLY B 90 -3.31 8.18 -7.82
N LYS B 91 -3.36 8.02 -9.13
CA LYS B 91 -4.62 8.28 -9.84
C LYS B 91 -5.29 7.02 -10.35
N GLN B 92 -6.56 6.86 -10.02
CA GLN B 92 -7.30 5.72 -10.50
C GLN B 92 -7.39 5.88 -12.01
N THR B 93 -7.12 4.79 -12.73
CA THR B 93 -7.16 4.82 -14.17
C THR B 93 -8.55 4.48 -14.69
N LEU B 94 -9.34 5.51 -14.99
CA LEU B 94 -10.68 5.30 -15.51
C LEU B 94 -10.75 5.76 -16.97
CA CA C . -7.58 -12.19 -15.00
C1 XME D . -4.44 -12.13 8.77
C2 XME D . -3.35 -13.00 8.33
C3 XME D . -3.09 -10.04 8.01
C4 XME D . -1.99 -10.94 7.56
C5 XME D . -2.12 -12.37 7.72
C6 XME D . -4.38 -10.67 8.65
CL7 XME D . -3.97 -6.01 8.16
C8 XME D . -5.47 -9.79 9.10
C9 XME D . -3.02 -8.60 7.89
C10 XME D . -5.33 -8.35 8.94
C11 XME D . -4.10 -7.75 8.34
S12 XME D . -3.48 -14.72 8.53
O13 XME D . -4.98 -15.15 8.54
C14 XME D . -2.79 -15.28 12.63
O15 XME D . -3.51 -15.24 13.64
C16 XME D . -3.45 -14.86 11.28
N17 XME D . -2.71 -15.19 10.02
C18 XME D . -0.56 -15.70 11.30
C19 XME D . -1.23 -14.96 10.10
N20 XME D . -1.36 -15.68 12.59
O21 XME D . -2.77 -15.48 7.41
C22 XME D . -0.61 -16.10 13.82
C23 XME D . 3.96 -9.55 16.71
N24 XME D . 2.36 -12.96 15.49
C25 XME D . 3.27 -11.95 16.19
C26 XME D . 3.06 -10.48 16.04
C27 XME D . 2.60 -14.50 15.67
C28 XME D . 4.42 -12.37 17.05
C29 XME D . 1.17 -12.49 14.61
C30 XME D . 0.09 -15.00 14.76
C31 XME D . -0.76 -14.92 16.08
N32 XME D . -1.83 -14.24 16.19
O33 XME D . -2.91 -14.74 16.74
C34 XME D . 1.57 -15.52 15.03
N35 XME D . 5.02 -9.99 17.51
C36 XME D . 5.25 -11.36 17.67
C37 XME D . 0.19 -13.57 14.01
#